data_1R3D
#
_entry.id   1R3D
#
_cell.length_a   99.470
_cell.length_b   99.470
_cell.length_c   53.492
_cell.angle_alpha   90.00
_cell.angle_beta   90.00
_cell.angle_gamma   90.00
#
_symmetry.space_group_name_H-M   'P 42 21 2'
#
loop_
_entity.id
_entity.type
_entity.pdbx_description
1 polymer 'conserved hypothetical protein VC1974'
2 water water
#
_entity_poly.entity_id   1
_entity_poly.type   'polypeptide(L)'
_entity_poly.pdbx_seq_one_letter_code
;SLLSNQLHFAKPTARTPLVVLVHGLLGSGADWQPVLSHLARTQCAALTLDLPGHGTNPERHCDNFAEAVE(MSE)IEQTV
QAHVTSEVPVILVGYSLGGRLI(MSE)HGLAQGAFSRLNLRGAIIEGGHFGLQENEEKAARWQHDQQWAQRFSQQPIEHV
LSDWYQQAVFSSLNHEQRQTLIAQRSANLGSSVAH(MSE)LLATSLAKQPYLLPALQALKLPIHYVCGEQDSKFQQLAES
SGLSYSQVAQAGHNVHHEQPQAFAKIVQA(MSE)IHSIID
;
_entity_poly.pdbx_strand_id   A
#
# COMPACT_ATOMS: atom_id res chain seq x y z
N SER A 1 -0.06 -5.76 -21.60
CA SER A 1 -0.91 -5.94 -20.42
C SER A 1 -0.50 -4.99 -19.30
N LEU A 2 -1.44 -4.17 -18.87
CA LEU A 2 -1.17 -3.29 -17.77
C LEU A 2 -2.12 -3.72 -16.67
N LEU A 3 -1.83 -3.34 -15.44
CA LEU A 3 -2.85 -3.37 -14.40
C LEU A 3 -3.94 -2.36 -14.71
N SER A 4 -5.15 -2.62 -14.23
CA SER A 4 -6.25 -1.66 -14.30
C SER A 4 -5.76 -0.40 -13.60
N ASN A 5 -6.11 0.74 -14.15
CA ASN A 5 -5.45 1.99 -13.76
C ASN A 5 -6.32 3.17 -14.13
N GLN A 6 -6.07 4.30 -13.48
CA GLN A 6 -6.76 5.51 -13.78
C GLN A 6 -5.81 6.66 -13.41
N LEU A 7 -5.69 7.61 -14.34
CA LEU A 7 -4.90 8.81 -14.17
C LEU A 7 -5.81 9.94 -13.69
N HIS A 8 -5.36 10.67 -12.67
CA HIS A 8 -6.12 11.76 -12.06
C HIS A 8 -5.43 13.10 -12.15
N PHE A 9 -6.26 14.14 -12.21
CA PHE A 9 -5.87 15.55 -12.11
C PHE A 9 -5.28 16.23 -13.34
N ALA A 10 -4.18 15.69 -13.84
CA ALA A 10 -3.30 16.40 -14.79
C ALA A 10 -2.37 15.48 -15.52
N LYS A 11 -1.85 16.00 -16.62
CA LYS A 11 -0.75 15.39 -17.34
C LYS A 11 0.51 15.34 -16.48
N PRO A 12 1.11 14.15 -16.31
CA PRO A 12 2.41 14.13 -15.65
C PRO A 12 3.49 14.74 -16.51
N THR A 13 4.32 15.59 -15.92
CA THR A 13 5.41 16.21 -16.62
C THR A 13 6.59 16.45 -15.69
N ALA A 14 7.67 16.99 -16.22
CA ALA A 14 8.79 17.41 -15.36
C ALA A 14 8.36 18.40 -14.27
N ARG A 15 7.31 19.17 -14.52
CA ARG A 15 6.80 20.20 -13.57
C ARG A 15 5.64 19.72 -12.68
N THR A 16 5.08 18.56 -13.00
CA THR A 16 3.89 18.02 -12.34
C THR A 16 4.15 16.54 -12.04
N PRO A 17 4.61 16.24 -10.81
CA PRO A 17 5.00 14.88 -10.50
C PRO A 17 3.83 13.90 -10.50
N LEU A 18 4.13 12.64 -10.77
CA LEU A 18 3.16 11.58 -10.68
C LEU A 18 3.22 10.87 -9.36
N VAL A 19 2.10 10.87 -8.65
CA VAL A 19 1.92 10.17 -7.42
C VAL A 19 1.25 8.84 -7.77
N VAL A 20 1.95 7.75 -7.55
CA VAL A 20 1.39 6.40 -7.81
C VAL A 20 0.88 5.87 -6.51
N LEU A 21 -0.39 5.47 -6.49
CA LEU A 21 -1.05 4.97 -5.28
C LEU A 21 -1.42 3.51 -5.45
N VAL A 22 -0.91 2.68 -4.55
CA VAL A 22 -1.03 1.23 -4.61
C VAL A 22 -1.72 0.76 -3.31
N HIS A 23 -2.90 0.22 -3.46
CA HIS A 23 -3.71 -0.24 -2.36
C HIS A 23 -3.20 -1.58 -1.77
N GLY A 24 -3.89 -2.06 -0.77
CA GLY A 24 -3.49 -3.27 -0.04
C GLY A 24 -4.44 -4.43 -0.27
N LEU A 25 -4.20 -5.57 0.36
CA LEU A 25 -5.10 -6.73 0.13
C LEU A 25 -6.55 -6.40 0.40
N LEU A 26 -7.40 -6.85 -0.53
CA LEU A 26 -8.85 -6.68 -0.52
C LEU A 26 -9.33 -5.35 -1.05
N GLY A 27 -8.42 -4.41 -1.22
CA GLY A 27 -8.77 -3.06 -1.64
C GLY A 27 -8.80 -2.93 -3.15
N SER A 28 -8.81 -1.70 -3.62
CA SER A 28 -8.69 -1.40 -5.04
C SER A 28 -8.27 0.07 -5.16
N GLY A 29 -8.02 0.53 -6.38
CA GLY A 29 -7.67 1.96 -6.60
C GLY A 29 -8.73 2.93 -6.08
N ALA A 30 -9.98 2.47 -6.00
CA ALA A 30 -11.07 3.29 -5.48
C ALA A 30 -10.88 3.64 -4.00
N ASP A 31 -10.09 2.86 -3.29
CA ASP A 31 -9.82 3.17 -1.86
C ASP A 31 -9.18 4.54 -1.66
N TRP A 32 -8.53 5.06 -2.70
CA TRP A 32 -7.81 6.32 -2.61
C TRP A 32 -8.65 7.57 -2.83
N GLN A 33 -9.95 7.43 -3.13
CA GLN A 33 -10.74 8.61 -3.46
C GLN A 33 -10.77 9.72 -2.41
N PRO A 34 -10.93 9.37 -1.13
CA PRO A 34 -10.89 10.39 -0.05
C PRO A 34 -9.57 11.20 0.00
N VAL A 35 -8.44 10.51 -0.09
CA VAL A 35 -7.14 11.19 -0.19
C VAL A 35 -7.05 12.05 -1.46
N LEU A 36 -7.50 11.52 -2.59
CA LEU A 36 -7.42 12.27 -3.83
C LEU A 36 -8.25 13.54 -3.76
N SER A 37 -9.39 13.47 -3.07
CA SER A 37 -10.21 14.66 -2.86
C SER A 37 -9.43 15.82 -2.24
N HIS A 38 -8.58 15.49 -1.27
CA HIS A 38 -7.72 16.46 -0.62
C HIS A 38 -6.48 16.82 -1.45
N LEU A 39 -5.95 15.87 -2.19
CA LEU A 39 -4.74 16.13 -3.01
C LEU A 39 -4.99 16.97 -4.23
N ALA A 40 -6.26 17.06 -4.64
CA ALA A 40 -6.66 17.78 -5.86
C ALA A 40 -6.18 19.23 -5.89
N ARG A 41 -6.01 19.83 -4.70
CA ARG A 41 -5.55 21.18 -4.51
C ARG A 41 -4.04 21.37 -4.80
N THR A 42 -3.28 20.27 -4.90
CA THR A 42 -1.82 20.29 -5.06
C THR A 42 -1.50 19.95 -6.50
N GLN A 43 -0.62 20.72 -7.13
CA GLN A 43 -0.19 20.41 -8.49
C GLN A 43 0.57 19.07 -8.50
N CYS A 44 -0.10 18.06 -9.01
CA CYS A 44 0.45 16.75 -9.25
C CYS A 44 -0.52 16.01 -10.19
N ALA A 45 -0.07 14.87 -10.69
CA ALA A 45 -0.90 13.90 -11.34
C ALA A 45 -0.88 12.72 -10.37
N ALA A 46 -1.94 11.94 -10.37
CA ALA A 46 -1.97 10.73 -9.58
C ALA A 46 -2.40 9.56 -10.43
N LEU A 47 -1.86 8.40 -10.14
CA LEU A 47 -2.22 7.17 -10.84
C LEU A 47 -2.66 6.17 -9.80
N THR A 48 -3.90 5.72 -9.91
CA THR A 48 -4.36 4.60 -9.10
C THR A 48 -4.34 3.34 -9.96
N LEU A 49 -4.09 2.23 -9.29
CA LEU A 49 -3.89 0.95 -9.97
C LEU A 49 -4.61 -0.10 -9.18
N ASP A 50 -5.03 -1.19 -9.83
CA ASP A 50 -5.60 -2.35 -9.11
C ASP A 50 -4.57 -3.48 -9.12
N LEU A 51 -4.29 -4.07 -7.96
CA LEU A 51 -3.37 -5.17 -7.90
C LEU A 51 -4.00 -6.38 -8.57
N PRO A 52 -3.18 -7.33 -9.02
CA PRO A 52 -3.71 -8.59 -9.52
C PRO A 52 -4.74 -9.18 -8.55
N GLY A 53 -5.84 -9.70 -9.10
CA GLY A 53 -6.94 -10.30 -8.32
C GLY A 53 -7.89 -9.34 -7.63
N HIS A 54 -7.69 -8.04 -7.86
CA HIS A 54 -8.47 -7.00 -7.18
C HIS A 54 -9.15 -6.08 -8.19
N GLY A 55 -10.17 -5.38 -7.73
CA GLY A 55 -10.87 -4.38 -8.54
C GLY A 55 -12.10 -4.96 -9.22
N THR A 56 -12.74 -4.18 -10.08
CA THR A 56 -13.94 -4.67 -10.78
C THR A 56 -13.57 -5.55 -11.98
N ASN A 57 -12.34 -6.09 -11.93
CA ASN A 57 -11.70 -6.84 -13.01
C ASN A 57 -10.97 -8.14 -12.54
N PRO A 58 -11.37 -8.73 -11.39
CA PRO A 58 -10.52 -9.62 -10.60
C PRO A 58 -9.24 -10.15 -11.28
N ALA A 66 8.24 -10.76 -7.63
CA ALA A 66 8.76 -10.14 -8.85
C ALA A 66 7.69 -9.78 -9.91
N GLU A 67 6.61 -10.56 -10.02
CA GLU A 67 5.55 -10.36 -11.04
C GLU A 67 4.61 -9.18 -10.81
N ALA A 68 3.97 -9.15 -9.65
CA ALA A 68 3.11 -7.99 -9.32
C ALA A 68 3.97 -6.73 -9.38
N VAL A 69 5.21 -6.83 -8.92
CA VAL A 69 6.15 -5.71 -8.92
C VAL A 69 6.46 -5.25 -10.35
N GLU A 70 6.77 -6.19 -11.23
CA GLU A 70 6.98 -5.91 -12.66
C GLU A 70 5.77 -5.18 -13.29
N ILE A 72 3.42 -3.46 -11.74
CA ILE A 72 3.34 -2.09 -11.22
C ILE A 72 4.30 -1.19 -11.98
N GLU A 73 5.55 -1.63 -12.14
CA GLU A 73 6.54 -0.83 -12.86
C GLU A 73 6.10 -0.52 -14.30
N GLN A 74 5.58 -1.54 -14.97
CA GLN A 74 5.14 -1.40 -16.36
C GLN A 74 3.96 -0.45 -16.49
N THR A 75 3.02 -0.57 -15.56
CA THR A 75 1.84 0.31 -15.55
C THR A 75 2.24 1.78 -15.31
N VAL A 76 3.17 2.01 -14.39
CA VAL A 76 3.68 3.41 -14.14
C VAL A 76 4.46 3.88 -15.37
N GLN A 77 5.33 3.02 -15.91
CA GLN A 77 6.13 3.38 -17.08
C GLN A 77 5.23 3.83 -18.24
N ALA A 78 4.05 3.22 -18.35
CA ALA A 78 3.12 3.54 -19.44
C ALA A 78 2.55 4.96 -19.37
N HIS A 79 2.76 5.64 -18.22
CA HIS A 79 2.17 6.97 -17.99
C HIS A 79 3.19 8.06 -17.89
N VAL A 80 4.47 7.72 -18.01
CA VAL A 80 5.52 8.70 -17.84
C VAL A 80 6.59 8.62 -18.93
N THR A 81 7.44 9.65 -18.95
CA THR A 81 8.71 9.61 -19.63
C THR A 81 9.77 9.71 -18.53
N SER A 82 11.03 9.59 -18.93
CA SER A 82 12.15 9.62 -18.00
C SER A 82 12.31 10.99 -17.30
N GLU A 83 11.69 12.04 -17.83
CA GLU A 83 11.76 13.35 -17.18
C GLU A 83 10.77 13.54 -16.03
N VAL A 84 9.75 12.67 -15.93
CA VAL A 84 8.67 12.91 -14.96
C VAL A 84 9.09 12.38 -13.59
N PRO A 85 9.13 13.25 -12.58
CA PRO A 85 9.42 12.75 -11.22
C PRO A 85 8.23 11.93 -10.68
N VAL A 86 8.53 10.79 -10.05
CA VAL A 86 7.56 9.85 -9.59
C VAL A 86 7.71 9.64 -8.07
N ILE A 87 6.57 9.56 -7.39
CA ILE A 87 6.49 9.23 -5.98
C ILE A 87 5.64 8.00 -5.93
N LEU A 88 6.15 6.96 -5.28
CA LEU A 88 5.41 5.71 -5.09
C LEU A 88 4.87 5.59 -3.65
N VAL A 89 3.54 5.40 -3.55
CA VAL A 89 2.83 5.36 -2.30
C VAL A 89 2.09 4.05 -2.22
N GLY A 90 2.34 3.32 -1.13
CA GLY A 90 1.77 1.99 -1.00
C GLY A 90 1.25 1.73 0.37
N TYR A 91 0.07 1.13 0.43
CA TYR A 91 -0.55 0.78 1.67
C TYR A 91 -0.42 -0.71 1.90
N SER A 92 0.12 -1.05 3.05
CA SER A 92 0.08 -2.44 3.53
C SER A 92 0.76 -3.35 2.47
N LEU A 93 0.10 -4.37 1.90
CA LEU A 93 0.74 -5.15 0.83
C LEU A 93 1.34 -4.28 -0.30
N GLY A 94 0.61 -3.21 -0.66
CA GLY A 94 1.06 -2.30 -1.69
C GLY A 94 2.37 -1.67 -1.32
N GLY A 95 2.49 -1.31 -0.04
CA GLY A 95 3.76 -0.80 0.52
C GLY A 95 4.87 -1.81 0.43
N ARG A 96 4.56 -3.06 0.76
CA ARG A 96 5.58 -4.12 0.74
C ARG A 96 6.04 -4.42 -0.68
N LEU A 97 5.11 -4.41 -1.62
CA LEU A 97 5.44 -4.55 -3.05
C LEU A 97 6.37 -3.46 -3.49
N ILE A 98 6.09 -2.21 -3.15
CA ILE A 98 6.99 -1.11 -3.46
C ILE A 98 8.36 -1.25 -2.78
N HIS A 100 9.81 -3.97 -1.86
CA HIS A 100 10.49 -5.12 -2.49
C HIS A 100 11.12 -4.72 -3.82
N GLY A 101 10.35 -4.00 -4.63
CA GLY A 101 10.85 -3.43 -5.87
C GLY A 101 12.04 -2.53 -5.67
N LEU A 102 11.97 -1.66 -4.67
CA LEU A 102 13.05 -0.76 -4.37
C LEU A 102 14.31 -1.50 -3.94
N ALA A 103 14.13 -2.50 -3.09
CA ALA A 103 15.25 -3.34 -2.66
C ALA A 103 15.87 -4.12 -3.83
N GLN A 104 15.06 -4.57 -4.78
CA GLN A 104 15.56 -5.26 -5.99
C GLN A 104 16.06 -4.36 -7.13
N GLY A 105 15.92 -3.05 -7.03
CA GLY A 105 16.27 -2.16 -8.15
C GLY A 105 15.29 -2.25 -9.31
N ALA A 106 14.05 -2.68 -9.04
CA ALA A 106 13.03 -2.93 -10.05
C ALA A 106 12.44 -1.69 -10.75
N PHE A 107 12.63 -0.51 -10.17
CA PHE A 107 12.04 0.75 -10.70
C PHE A 107 13.12 1.65 -11.29
N SER A 108 14.26 1.05 -11.65
CA SER A 108 15.43 1.83 -12.07
C SER A 108 15.25 2.67 -13.33
N ARG A 109 14.24 2.38 -14.16
CA ARG A 109 14.04 3.17 -15.38
C ARG A 109 12.97 4.24 -15.18
N LEU A 110 12.45 4.35 -13.94
CA LEU A 110 11.64 5.52 -13.55
C LEU A 110 12.49 6.58 -12.82
N ASN A 111 12.11 7.86 -13.00
CA ASN A 111 12.73 8.99 -12.29
C ASN A 111 12.10 9.09 -10.90
N LEU A 112 12.42 8.14 -10.05
CA LEU A 112 11.83 8.05 -8.71
C LEU A 112 12.41 9.12 -7.86
N ARG A 113 11.55 9.88 -7.19
CA ARG A 113 12.03 10.93 -6.34
C ARG A 113 11.67 10.70 -4.88
N GLY A 114 10.76 9.78 -4.59
CA GLY A 114 10.38 9.47 -3.24
C GLY A 114 9.43 8.32 -3.12
N ALA A 115 9.36 7.77 -1.89
CA ALA A 115 8.42 6.68 -1.60
C ALA A 115 7.77 6.91 -0.24
N ILE A 116 6.47 6.64 -0.16
CA ILE A 116 5.72 6.72 1.07
C ILE A 116 5.12 5.33 1.32
N ILE A 117 5.46 4.76 2.47
CA ILE A 117 5.01 3.43 2.80
C ILE A 117 4.11 3.49 4.02
N GLU A 118 2.85 3.09 3.84
CA GLU A 118 1.85 3.15 4.90
C GLU A 118 1.59 1.74 5.40
N GLY A 119 2.20 1.38 6.52
CA GLY A 119 1.91 0.11 7.16
C GLY A 119 2.38 -1.13 6.40
N GLY A 120 3.45 -0.97 5.62
CA GLY A 120 4.11 -2.13 4.97
C GLY A 120 5.10 -2.82 5.92
N HIS A 121 5.09 -4.15 5.95
CA HIS A 121 6.00 -4.88 6.86
C HIS A 121 7.35 -5.09 6.15
N PHE A 122 8.46 -4.82 6.82
CA PHE A 122 9.79 -4.94 6.23
C PHE A 122 10.22 -6.40 6.05
N GLY A 123 9.54 -7.31 6.75
CA GLY A 123 9.77 -8.73 6.64
C GLY A 123 10.12 -9.33 8.00
N LEU A 124 9.99 -10.64 8.11
CA LEU A 124 10.31 -11.38 9.33
C LEU A 124 11.76 -11.86 9.28
N GLN A 125 12.41 -11.97 10.41
CA GLN A 125 13.85 -12.22 10.39
C GLN A 125 14.26 -13.65 10.69
N GLU A 126 13.32 -14.42 11.24
CA GLU A 126 13.61 -15.75 11.78
C GLU A 126 12.68 -16.81 11.14
N ASN A 127 13.27 -17.93 10.73
CA ASN A 127 12.55 -19.02 10.05
C ASN A 127 11.34 -19.52 10.84
N GLU A 128 11.43 -19.44 12.16
CA GLU A 128 10.35 -19.80 13.09
C GLU A 128 9.12 -18.92 12.87
N GLU A 129 9.34 -17.62 12.72
CA GLU A 129 8.21 -16.70 12.48
C GLU A 129 7.67 -16.85 11.07
N LYS A 130 8.54 -17.05 10.10
CA LYS A 130 8.14 -17.24 8.71
C LYS A 130 7.23 -18.46 8.57
N ALA A 131 7.60 -19.56 9.24
CA ALA A 131 6.77 -20.77 9.28
C ALA A 131 5.41 -20.52 9.90
N ALA A 132 5.40 -19.81 11.03
CA ALA A 132 4.14 -19.50 11.68
C ALA A 132 3.28 -18.65 10.74
N ARG A 133 3.91 -17.69 10.09
CA ARG A 133 3.18 -16.77 9.18
C ARG A 133 2.57 -17.50 7.99
N TRP A 134 3.30 -18.47 7.46
CA TRP A 134 2.82 -19.25 6.32
C TRP A 134 1.57 -20.05 6.68
N GLN A 135 1.55 -20.66 7.86
CA GLN A 135 0.37 -21.36 8.38
C GLN A 135 -0.83 -20.42 8.51
N HIS A 136 -0.56 -19.29 9.14
CA HIS A 136 -1.56 -18.23 9.33
C HIS A 136 -2.15 -17.81 7.97
N ASP A 137 -1.29 -17.47 7.02
CA ASP A 137 -1.71 -17.06 5.69
C ASP A 137 -2.48 -18.16 4.93
N GLN A 138 -2.01 -19.40 5.06
CA GLN A 138 -2.76 -20.56 4.48
C GLN A 138 -4.14 -20.72 5.06
N GLN A 139 -4.25 -20.59 6.39
CA GLN A 139 -5.56 -20.63 7.03
C GLN A 139 -6.51 -19.54 6.56
N TRP A 140 -6.04 -18.28 6.46
CA TRP A 140 -6.88 -17.23 5.87
C TRP A 140 -7.24 -17.56 4.41
N ALA A 141 -6.25 -18.00 3.65
CA ALA A 141 -6.45 -18.27 2.21
C ALA A 141 -7.52 -19.33 2.00
N GLN A 142 -7.49 -20.39 2.81
CA GLN A 142 -8.53 -21.42 2.75
C GLN A 142 -9.90 -20.86 3.07
N ARG A 143 -9.95 -19.98 4.06
CA ARG A 143 -11.22 -19.36 4.40
C ARG A 143 -11.76 -18.54 3.27
N PHE A 144 -10.92 -17.69 2.70
CA PHE A 144 -11.31 -16.88 1.57
C PHE A 144 -11.73 -17.72 0.35
N SER A 145 -11.05 -18.84 0.13
CA SER A 145 -11.39 -19.85 -0.92
C SER A 145 -12.81 -20.42 -0.84
N GLN A 146 -13.20 -20.87 0.36
CA GLN A 146 -14.36 -21.73 0.48
C GLN A 146 -15.49 -21.27 1.41
N GLN A 147 -15.26 -20.26 2.25
CA GLN A 147 -16.33 -19.78 3.11
C GLN A 147 -16.96 -18.55 2.51
N PRO A 148 -18.19 -18.21 2.94
CA PRO A 148 -18.80 -16.95 2.52
C PRO A 148 -17.93 -15.75 2.90
N ILE A 149 -17.66 -14.90 1.92
CA ILE A 149 -16.69 -13.85 2.09
C ILE A 149 -17.04 -12.89 3.24
N GLU A 150 -18.32 -12.61 3.44
CA GLU A 150 -18.71 -11.69 4.51
C GLU A 150 -18.37 -12.25 5.92
N HIS A 151 -18.48 -13.56 6.08
CA HIS A 151 -18.05 -14.26 7.29
C HIS A 151 -16.56 -14.10 7.51
N VAL A 152 -15.78 -14.31 6.45
CA VAL A 152 -14.31 -14.22 6.58
C VAL A 152 -13.91 -12.77 6.90
N LEU A 153 -14.57 -11.84 6.20
CA LEU A 153 -14.26 -10.41 6.35
C LEU A 153 -14.60 -9.89 7.71
N SER A 154 -15.66 -10.41 8.29
CA SER A 154 -16.06 -10.03 9.61
C SER A 154 -14.91 -10.36 10.59
N ASP A 155 -14.22 -11.49 10.39
CA ASP A 155 -13.05 -11.83 11.22
C ASP A 155 -11.78 -11.09 10.83
N TRP A 156 -11.60 -10.84 9.54
CA TRP A 156 -10.44 -10.11 9.02
C TRP A 156 -10.38 -8.74 9.66
N TYR A 157 -11.53 -8.08 9.77
CA TYR A 157 -11.57 -6.75 10.35
C TYR A 157 -11.57 -6.70 11.87
N GLN A 158 -11.50 -7.87 12.52
CA GLN A 158 -11.16 -7.96 13.93
C GLN A 158 -9.67 -8.09 14.24
N GLN A 159 -8.80 -8.09 13.23
CA GLN A 159 -7.37 -8.15 13.49
C GLN A 159 -6.90 -6.90 14.21
N ALA A 160 -5.80 -7.04 14.94
CA ALA A 160 -5.28 -5.99 15.82
C ALA A 160 -4.99 -4.71 15.08
N VAL A 161 -4.49 -4.80 13.84
CA VAL A 161 -4.17 -3.59 13.07
C VAL A 161 -5.35 -2.68 12.89
N PHE A 162 -6.57 -3.23 12.97
CA PHE A 162 -7.83 -2.47 12.85
C PHE A 162 -8.49 -2.14 14.20
N SER A 163 -7.73 -2.21 15.28
CA SER A 163 -8.27 -1.92 16.62
C SER A 163 -8.90 -0.52 16.72
N SER A 164 -8.38 0.43 15.92
CA SER A 164 -8.88 1.80 15.95
C SER A 164 -10.32 1.95 15.44
N LEU A 165 -10.79 1.00 14.62
CA LEU A 165 -12.08 1.14 13.96
C LEU A 165 -13.25 0.84 14.91
N ASN A 166 -14.34 1.57 14.75
CA ASN A 166 -15.57 1.25 15.47
C ASN A 166 -16.42 0.32 14.63
N HIS A 167 -17.54 -0.12 15.21
CA HIS A 167 -18.40 -1.14 14.61
C HIS A 167 -18.91 -0.74 13.25
N GLU A 168 -19.35 0.50 13.18
CA GLU A 168 -19.88 1.08 11.96
C GLU A 168 -18.82 1.14 10.87
N GLN A 169 -17.59 1.52 11.22
CA GLN A 169 -16.50 1.50 10.24
C GLN A 169 -16.18 0.09 9.72
N ARG A 170 -16.18 -0.88 10.63
CA ARG A 170 -15.93 -2.27 10.24
C ARG A 170 -17.03 -2.78 9.33
N GLN A 171 -18.27 -2.43 9.65
CA GLN A 171 -19.41 -2.91 8.85
C GLN A 171 -19.41 -2.33 7.45
N THR A 172 -19.08 -1.07 7.33
CA THR A 172 -18.89 -0.40 6.04
C THR A 172 -17.83 -1.12 5.18
N LEU A 173 -16.70 -1.48 5.80
CA LEU A 173 -15.62 -2.14 5.08
C LEU A 173 -16.03 -3.56 4.69
N ILE A 174 -16.68 -4.27 5.61
CA ILE A 174 -17.13 -5.63 5.30
C ILE A 174 -17.99 -5.59 4.04
N ALA A 175 -18.91 -4.63 4.00
CA ALA A 175 -19.83 -4.49 2.87
C ALA A 175 -19.13 -4.14 1.60
N GLN A 176 -18.25 -3.15 1.65
CA GLN A 176 -17.51 -2.77 0.46
C GLN A 176 -16.63 -3.89 -0.06
N ARG A 177 -15.98 -4.60 0.85
CA ARG A 177 -15.01 -5.61 0.44
C ARG A 177 -15.66 -6.92 0.02
N SER A 178 -16.95 -7.06 0.28
CA SER A 178 -17.63 -8.32 -0.04
C SER A 178 -17.79 -8.54 -1.56
N ALA A 179 -17.42 -7.53 -2.36
CA ALA A 179 -17.45 -7.62 -3.82
C ALA A 179 -16.26 -8.39 -4.34
N ASN A 180 -15.25 -8.57 -3.50
CA ASN A 180 -14.05 -9.31 -3.90
C ASN A 180 -14.39 -10.74 -4.27
N LEU A 181 -13.57 -11.30 -5.15
CA LEU A 181 -13.64 -12.70 -5.45
C LEU A 181 -12.74 -13.41 -4.43
N GLY A 182 -13.33 -14.19 -3.54
CA GLY A 182 -12.55 -14.88 -2.51
C GLY A 182 -11.33 -15.61 -3.03
N SER A 183 -11.50 -16.42 -4.07
CA SER A 183 -10.36 -17.22 -4.58
C SER A 183 -9.20 -16.38 -5.08
N SER A 184 -9.52 -15.23 -5.69
CA SER A 184 -8.48 -14.34 -6.22
C SER A 184 -7.69 -13.68 -5.09
N VAL A 185 -8.41 -13.27 -4.04
CA VAL A 185 -7.81 -12.74 -2.81
C VAL A 185 -6.85 -13.76 -2.21
N ALA A 186 -7.34 -14.99 -2.03
CA ALA A 186 -6.52 -16.05 -1.44
C ALA A 186 -5.23 -16.27 -2.20
N HIS A 187 -5.29 -16.33 -3.53
CA HIS A 187 -4.10 -16.53 -4.34
C HIS A 187 -3.08 -15.42 -4.14
N LEU A 189 -2.84 -13.42 -1.57
CA LEU A 189 -2.39 -13.51 -0.17
C LEU A 189 -1.18 -14.45 -0.10
N LEU A 190 -1.34 -15.66 -0.62
CA LEU A 190 -0.27 -16.65 -0.61
C LEU A 190 0.90 -16.27 -1.49
N ALA A 191 0.64 -15.81 -2.72
CA ALA A 191 1.70 -15.47 -3.66
C ALA A 191 2.62 -14.39 -3.10
N THR A 192 2.07 -13.50 -2.28
CA THR A 192 2.86 -12.42 -1.72
C THR A 192 2.90 -12.50 -0.19
N SER A 193 2.68 -13.69 0.36
CA SER A 193 2.79 -13.92 1.80
C SER A 193 4.06 -13.30 2.38
N LEU A 194 3.91 -12.62 3.51
CA LEU A 194 5.06 -12.14 4.29
C LEU A 194 6.04 -13.26 4.58
N ALA A 195 5.56 -14.48 4.72
CA ALA A 195 6.41 -15.62 5.06
C ALA A 195 7.53 -15.79 4.03
N LYS A 196 7.27 -15.38 2.80
CA LYS A 196 8.23 -15.48 1.69
C LYS A 196 9.09 -14.25 1.48
N GLN A 197 8.90 -13.19 2.28
CA GLN A 197 9.57 -11.92 2.02
C GLN A 197 10.98 -11.86 2.61
N PRO A 198 11.99 -11.57 1.77
CA PRO A 198 13.30 -11.27 2.33
C PRO A 198 13.21 -10.06 3.22
N TYR A 199 14.04 -9.99 4.23
CA TYR A 199 14.04 -8.83 5.10
C TYR A 199 14.59 -7.61 4.32
N LEU A 200 13.78 -6.55 4.21
CA LEU A 200 14.07 -5.45 3.27
C LEU A 200 14.75 -4.22 3.84
N LEU A 201 14.77 -4.06 5.17
CA LEU A 201 15.14 -2.76 5.75
C LEU A 201 16.57 -2.31 5.48
N PRO A 202 17.56 -3.25 5.53
CA PRO A 202 18.92 -2.86 5.20
C PRO A 202 19.05 -2.34 3.75
N ALA A 203 18.44 -3.02 2.79
CA ALA A 203 18.52 -2.57 1.39
C ALA A 203 17.91 -1.18 1.26
N LEU A 204 16.78 -0.96 1.93
CA LEU A 204 16.08 0.35 1.91
C LEU A 204 16.87 1.47 2.53
N GLN A 205 17.42 1.21 3.71
CA GLN A 205 18.28 2.16 4.42
C GLN A 205 19.45 2.63 3.57
N ALA A 206 19.88 1.82 2.61
CA ALA A 206 21.08 2.14 1.83
C ALA A 206 20.76 2.95 0.59
N LEU A 207 19.47 3.08 0.26
CA LEU A 207 19.07 3.82 -0.94
C LEU A 207 19.19 5.32 -0.71
N LYS A 208 19.59 6.07 -1.74
CA LYS A 208 19.62 7.53 -1.64
C LYS A 208 18.19 8.08 -1.70
N LEU A 209 17.28 7.36 -2.34
CA LEU A 209 15.86 7.76 -2.38
C LEU A 209 15.27 8.05 -0.99
N PRO A 210 14.61 9.22 -0.80
CA PRO A 210 13.84 9.43 0.45
C PRO A 210 12.64 8.50 0.58
N ILE A 211 12.60 7.77 1.68
CA ILE A 211 11.54 6.82 1.97
C ILE A 211 10.92 7.21 3.28
N HIS A 212 9.61 7.45 3.26
CA HIS A 212 8.92 7.96 4.42
C HIS A 212 7.85 6.97 4.84
N TYR A 213 7.88 6.55 6.10
CA TYR A 213 6.93 5.60 6.61
C TYR A 213 5.75 6.32 7.32
N VAL A 214 4.56 5.80 7.12
CA VAL A 214 3.38 6.32 7.77
C VAL A 214 2.69 5.24 8.57
N CYS A 215 2.45 5.54 9.83
CA CYS A 215 1.78 4.62 10.72
C CYS A 215 0.72 5.39 11.49
N GLY A 216 -0.25 4.66 12.02
CA GLY A 216 -1.27 5.21 12.87
C GLY A 216 -0.86 4.98 14.29
N GLU A 217 -1.08 5.96 15.15
CA GLU A 217 -0.67 5.82 16.54
C GLU A 217 -1.38 4.65 17.27
N GLN A 218 -2.58 4.29 16.84
CA GLN A 218 -3.36 3.17 17.48
C GLN A 218 -3.03 1.78 16.95
N ASP A 219 -2.11 1.68 16.01
CA ASP A 219 -1.70 0.44 15.44
C ASP A 219 -0.34 0.10 16.12
N SER A 220 -0.39 -0.61 17.25
CA SER A 220 0.81 -0.79 18.07
C SER A 220 1.90 -1.50 17.29
N LYS A 221 1.53 -2.54 16.53
CA LYS A 221 2.48 -3.33 15.77
C LYS A 221 3.29 -2.51 14.76
N PHE A 222 2.61 -1.76 13.90
CA PHE A 222 3.30 -1.01 12.84
C PHE A 222 3.87 0.33 13.33
N GLN A 223 3.35 0.87 14.43
CA GLN A 223 4.03 1.99 15.09
C GLN A 223 5.41 1.57 15.62
N GLN A 224 5.49 0.38 16.21
CA GLN A 224 6.77 -0.12 16.73
C GLN A 224 7.73 -0.42 15.60
N LEU A 225 7.22 -0.98 14.52
CA LEU A 225 8.04 -1.14 13.32
C LEU A 225 8.55 0.21 12.80
N ALA A 226 7.68 1.22 12.75
CA ALA A 226 8.07 2.51 12.22
C ALA A 226 9.13 3.11 13.11
N GLU A 227 8.86 3.10 14.42
CA GLU A 227 9.71 3.74 15.40
C GLU A 227 11.11 3.10 15.42
N SER A 228 11.17 1.77 15.27
CA SER A 228 12.47 1.03 15.34
C SER A 228 13.20 0.94 13.99
N SER A 229 12.55 1.37 12.91
CA SER A 229 13.13 1.23 11.57
C SER A 229 14.31 2.16 11.27
N GLY A 230 14.36 3.33 11.89
CA GLY A 230 15.41 4.33 11.60
C GLY A 230 15.08 5.16 10.38
N LEU A 231 13.94 4.90 9.78
CA LEU A 231 13.45 5.65 8.64
C LEU A 231 12.70 6.86 9.14
N SER A 232 12.65 7.90 8.32
CA SER A 232 11.79 9.00 8.65
C SER A 232 10.32 8.55 8.61
N TYR A 233 9.52 8.99 9.57
CA TYR A 233 8.14 8.52 9.69
C TYR A 233 7.20 9.54 10.25
N SER A 234 5.90 9.38 9.90
CA SER A 234 4.81 10.13 10.49
C SER A 234 4.00 9.16 11.29
N GLN A 235 3.61 9.59 12.47
CA GLN A 235 2.75 8.80 13.32
C GLN A 235 1.48 9.60 13.50
N VAL A 236 0.40 9.11 12.91
CA VAL A 236 -0.82 9.88 12.81
C VAL A 236 -1.77 9.61 13.95
N ALA A 237 -2.12 10.69 14.66
CA ALA A 237 -3.04 10.60 15.77
C ALA A 237 -4.38 10.16 15.29
N GLN A 238 -5.09 9.39 16.10
CA GLN A 238 -6.47 8.99 15.77
C GLN A 238 -6.60 8.24 14.44
N ALA A 239 -5.71 7.26 14.33
CA ALA A 239 -5.71 6.36 13.23
C ALA A 239 -4.98 5.10 13.65
N GLY A 240 -5.37 4.02 12.99
CA GLY A 240 -4.69 2.77 13.10
C GLY A 240 -3.94 2.47 11.80
N HIS A 241 -4.07 1.25 11.33
CA HIS A 241 -3.33 0.77 10.16
C HIS A 241 -3.66 1.54 8.87
N ASN A 242 -4.95 1.74 8.63
CA ASN A 242 -5.44 2.29 7.41
C ASN A 242 -5.63 3.83 7.57
N VAL A 243 -4.51 4.54 7.65
CA VAL A 243 -4.53 6.01 7.82
C VAL A 243 -5.27 6.73 6.68
N HIS A 244 -5.06 6.29 5.44
CA HIS A 244 -5.71 6.93 4.26
C HIS A 244 -7.25 6.83 4.30
N HIS A 245 -7.76 5.86 5.05
CA HIS A 245 -9.23 5.74 5.26
C HIS A 245 -9.69 6.59 6.44
N GLU A 246 -8.95 6.52 7.53
CA GLU A 246 -9.36 7.13 8.78
C GLU A 246 -9.07 8.61 8.83
N GLN A 247 -7.98 9.03 8.21
CA GLN A 247 -7.52 10.42 8.25
C GLN A 247 -7.02 10.84 6.88
N PRO A 248 -7.89 10.81 5.87
CA PRO A 248 -7.43 11.13 4.54
C PRO A 248 -6.82 12.52 4.41
N GLN A 249 -7.27 13.50 5.19
CA GLN A 249 -6.71 14.86 5.07
C GLN A 249 -5.28 14.89 5.60
N ALA A 250 -5.05 14.26 6.73
CA ALA A 250 -3.69 14.16 7.26
C ALA A 250 -2.75 13.40 6.32
N PHE A 251 -3.25 12.30 5.73
CA PHE A 251 -2.46 11.50 4.79
C PHE A 251 -2.09 12.33 3.55
N ALA A 252 -3.06 13.05 2.99
CA ALA A 252 -2.85 13.90 1.83
C ALA A 252 -1.84 15.01 2.12
N LYS A 253 -1.86 15.54 3.35
CA LYS A 253 -0.84 16.50 3.78
C LYS A 253 0.59 15.94 3.75
N ILE A 254 0.73 14.66 4.12
CA ILE A 254 2.01 14.00 4.04
C ILE A 254 2.47 13.83 2.61
N VAL A 255 1.59 13.37 1.74
CA VAL A 255 1.92 13.29 0.31
C VAL A 255 2.29 14.67 -0.23
N GLN A 256 1.50 15.69 0.09
CA GLN A 256 1.77 17.08 -0.35
C GLN A 256 3.17 17.52 0.05
N ALA A 257 3.55 17.23 1.28
CA ALA A 257 4.84 17.64 1.79
C ALA A 257 5.95 17.04 0.95
N ILE A 259 5.63 16.05 -2.27
CA ILE A 259 5.55 16.77 -3.57
C ILE A 259 6.27 18.16 -3.44
N HIS A 260 5.94 18.91 -2.39
CA HIS A 260 6.56 20.24 -2.15
C HIS A 260 8.08 20.14 -2.07
N SER A 261 8.57 19.01 -1.56
CA SER A 261 9.98 18.74 -1.39
C SER A 261 10.69 18.48 -2.71
N ILE A 262 9.96 18.14 -3.76
CA ILE A 262 10.62 17.78 -5.00
C ILE A 262 10.51 18.79 -6.13
N ILE A 263 9.47 19.62 -6.13
CA ILE A 263 9.27 20.64 -7.17
C ILE A 263 8.81 21.97 -6.57
N ASP A 264 9.00 23.05 -7.34
CA ASP A 264 8.40 24.34 -7.04
C ASP A 264 7.13 24.57 -7.89
#